data_4RTS
#
_entry.id   4RTS
#
_cell.length_a   39.545
_cell.length_b   63.747
_cell.length_c   154.981
_cell.angle_alpha   90.00
_cell.angle_beta   90.00
_cell.angle_gamma   90.00
#
_symmetry.space_group_name_H-M   'P 21 21 21'
#
loop_
_entity.id
_entity.type
_entity.pdbx_description
1 polymer 'DNA adenine methylase'
2 polymer "DNA (5'-D(*AP*CP*TP*TP*AP*GP*AP*CP*TP*TP*AP*G)-3')"
3 polymer "DNA (5'-D(*TP*CP*TP*AP*AP*GP*TP*CP*TP*AP*AP*G)-3')"
4 non-polymer S-ADENOSYLMETHIONINE
5 water water
#
loop_
_entity_poly.entity_id
_entity_poly.type
_entity_poly.pdbx_seq_one_letter_code
_entity_poly.pdbx_strand_id
1 'polypeptide(L)'
;MGSSHHHHHHSSGLVPRGSHMKKNRAFLKWAGGKYPLLDDIKRHLPKGECLVEPFVGAGSVFLNTDFSRYILADINSDLI
SLYNIVKMRTDEYVQAARELFVPETNCAEVYYQFREEFNKSQDPFRRAVLFLYLNRYGYNGLCRYNLRGEFNVPFGRYKK
PYFPEAELYHFAEKAQNAFFYCESYADSMARADDSSVVYCDPPYAPLSATANFTAYHTNSFTLEQQAHLAEIAEGLVERH
IPVLISNHDTMLTREWYQRAKLHVVKVRRSISSNGGTRKKVDELLALYKPGVVSPAKK
;
A
2 'polydeoxyribonucleotide' (DA)(DC)(DT)(DT)(DA)(DG)(DA)(DC)(DT)(DT)(DA)(DG) F
3 'polydeoxyribonucleotide' (DT)(DC)(DT)(DA)(DA)(DG)(DT)(DC)(DT)(DA)(DA)(DG) G
#
loop_
_chem_comp.id
_chem_comp.type
_chem_comp.name
_chem_comp.formula
DA DNA linking 2'-DEOXYADENOSINE-5'-MONOPHOSPHATE 'C10 H14 N5 O6 P'
DC DNA linking 2'-DEOXYCYTIDINE-5'-MONOPHOSPHATE 'C9 H14 N3 O7 P'
DG DNA linking 2'-DEOXYGUANOSINE-5'-MONOPHOSPHATE 'C10 H14 N5 O7 P'
DT DNA linking THYMIDINE-5'-MONOPHOSPHATE 'C10 H15 N2 O8 P'
SAM non-polymer S-ADENOSYLMETHIONINE 'C15 H22 N6 O5 S'
#
# COMPACT_ATOMS: atom_id res chain seq x y z
N LYS A 23 17.80 -0.99 1.81
CA LYS A 23 16.34 -0.99 1.87
C LYS A 23 15.74 -0.58 0.53
N ASN A 24 14.94 -1.47 -0.05
CA ASN A 24 14.31 -1.21 -1.33
C ASN A 24 13.15 -0.23 -1.20
N ARG A 25 13.25 0.91 -1.87
CA ARG A 25 12.20 1.91 -1.79
C ARG A 25 11.06 1.55 -2.76
N ALA A 26 9.85 1.98 -2.41
CA ALA A 26 8.69 1.78 -3.26
C ALA A 26 8.74 2.73 -4.45
N PHE A 27 8.00 2.45 -5.53
CA PHE A 27 8.09 3.31 -6.70
C PHE A 27 7.01 4.40 -6.66
N LEU A 28 5.97 4.19 -5.87
CA LEU A 28 4.98 5.24 -5.64
C LEU A 28 5.31 6.10 -4.44
N LYS A 29 5.02 7.39 -4.54
CA LYS A 29 5.01 8.28 -3.40
C LYS A 29 3.67 8.04 -2.70
N TRP A 30 3.69 7.36 -1.56
CA TRP A 30 2.43 6.96 -0.95
C TRP A 30 2.34 7.38 0.50
N ALA A 31 1.14 7.82 0.88
CA ALA A 31 0.86 8.23 2.24
C ALA A 31 1.13 7.09 3.21
N GLY A 32 1.92 7.36 4.24
CA GLY A 32 2.22 6.37 5.26
C GLY A 32 3.18 5.30 4.79
N GLY A 33 4.34 5.72 4.31
CA GLY A 33 5.38 4.78 3.92
C GLY A 33 5.99 4.17 5.16
N LYS A 34 6.02 2.84 5.21
CA LYS A 34 6.54 2.13 6.38
C LYS A 34 8.06 2.04 6.38
N TYR A 35 8.71 2.91 5.60
CA TYR A 35 10.17 2.91 5.49
C TYR A 35 10.90 3.18 6.82
N PRO A 36 10.45 4.16 7.63
CA PRO A 36 11.22 4.37 8.86
C PRO A 36 11.06 3.25 9.89
N LEU A 37 10.04 2.41 9.73
CA LEU A 37 9.71 1.45 10.77
C LEU A 37 9.93 0.00 10.35
N LEU A 38 10.50 -0.18 9.15
CA LEU A 38 10.75 -1.51 8.60
C LEU A 38 11.44 -2.45 9.57
N ASP A 39 12.55 -1.99 10.13
CA ASP A 39 13.36 -2.80 11.05
C ASP A 39 12.53 -3.29 12.22
N ASP A 40 11.70 -2.40 12.77
CA ASP A 40 10.86 -2.73 13.90
C ASP A 40 9.74 -3.69 13.51
N ILE A 41 9.22 -3.51 12.30
CA ILE A 41 8.22 -4.42 11.76
C ILE A 41 8.82 -5.79 11.52
N LYS A 42 9.98 -5.82 10.87
CA LYS A 42 10.62 -7.10 10.54
C LYS A 42 11.09 -7.85 11.77
N ARG A 43 11.34 -7.13 12.86
CA ARG A 43 11.78 -7.72 14.11
C ARG A 43 10.65 -8.45 14.82
N HIS A 44 9.41 -8.06 14.55
CA HIS A 44 8.26 -8.66 15.21
C HIS A 44 7.41 -9.49 14.25
N LEU A 45 7.80 -9.54 12.98
CA LEU A 45 7.06 -10.28 11.97
C LEU A 45 7.44 -11.76 11.97
N PRO A 46 6.51 -12.64 12.37
CA PRO A 46 6.77 -14.08 12.50
C PRO A 46 7.10 -14.75 11.18
N LYS A 47 7.87 -15.84 11.25
CA LYS A 47 8.22 -16.60 10.06
C LYS A 47 7.02 -17.31 9.49
N GLY A 48 6.97 -17.44 8.16
CA GLY A 48 5.90 -18.17 7.49
C GLY A 48 6.19 -18.45 6.02
N GLU A 49 5.32 -19.21 5.38
CA GLU A 49 5.43 -19.45 3.95
C GLU A 49 4.82 -18.29 3.17
N CYS A 50 3.74 -17.72 3.70
CA CYS A 50 2.99 -16.70 2.97
C CYS A 50 2.73 -15.46 3.81
N LEU A 51 2.90 -14.30 3.19
CA LEU A 51 2.58 -13.05 3.86
C LEU A 51 1.33 -12.44 3.24
N VAL A 52 0.33 -12.19 4.08
CA VAL A 52 -0.91 -11.56 3.65
C VAL A 52 -0.92 -10.11 4.13
N GLU A 53 -1.23 -9.19 3.22
CA GLU A 53 -1.33 -7.78 3.53
C GLU A 53 -2.66 -7.22 3.02
N PRO A 54 -3.63 -7.02 3.94
CA PRO A 54 -4.95 -6.44 3.62
C PRO A 54 -4.88 -4.98 3.19
N PHE A 55 -3.84 -4.26 3.62
CA PHE A 55 -3.64 -2.86 3.22
C PHE A 55 -2.25 -2.68 2.64
N VAL A 56 -2.03 -3.13 1.41
CA VAL A 56 -0.67 -3.19 0.90
C VAL A 56 -0.08 -1.81 0.65
N GLY A 57 -0.91 -0.84 0.26
CA GLY A 57 -0.42 0.49 -0.08
C GLY A 57 0.75 0.45 -1.04
N ALA A 58 1.82 1.17 -0.70
CA ALA A 58 3.03 1.24 -1.51
C ALA A 58 3.83 -0.07 -1.53
N GLY A 59 3.68 -0.87 -0.48
CA GLY A 59 4.28 -2.19 -0.44
C GLY A 59 5.68 -2.26 0.14
N SER A 60 5.98 -1.34 1.06
CA SER A 60 7.28 -1.28 1.72
C SER A 60 7.70 -2.60 2.39
N VAL A 61 6.77 -3.26 3.07
CA VAL A 61 7.08 -4.48 3.81
C VAL A 61 7.24 -5.65 2.84
N PHE A 62 6.36 -5.70 1.85
CA PHE A 62 6.45 -6.63 0.75
C PHE A 62 7.82 -6.57 0.07
N LEU A 63 8.26 -5.34 -0.22
CA LEU A 63 9.50 -5.12 -0.96
C LEU A 63 10.76 -5.35 -0.12
N ASN A 64 10.61 -5.53 1.18
CA ASN A 64 11.76 -5.71 2.06
C ASN A 64 11.70 -6.94 2.95
N THR A 65 10.96 -7.97 2.54
CA THR A 65 10.94 -9.23 3.25
C THR A 65 11.19 -10.35 2.25
N ASP A 66 11.25 -11.60 2.73
CA ASP A 66 11.59 -12.71 1.85
C ASP A 66 10.68 -13.92 2.07
N PHE A 67 9.38 -13.71 1.93
CA PHE A 67 8.42 -14.81 1.99
C PHE A 67 8.38 -15.51 0.65
N SER A 68 8.10 -16.81 0.68
CA SER A 68 8.05 -17.59 -0.56
C SER A 68 6.90 -17.14 -1.44
N ARG A 69 5.86 -16.59 -0.84
CA ARG A 69 4.76 -16.05 -1.62
C ARG A 69 3.96 -14.98 -0.85
N TYR A 70 3.27 -14.14 -1.60
CA TYR A 70 2.56 -13.00 -1.02
C TYR A 70 1.12 -12.92 -1.52
N ILE A 71 0.22 -12.60 -0.61
CA ILE A 71 -1.14 -12.22 -0.96
C ILE A 71 -1.35 -10.75 -0.60
N LEU A 72 -1.50 -9.91 -1.62
CA LEU A 72 -1.54 -8.46 -1.43
C LEU A 72 -2.87 -7.88 -1.88
N ALA A 73 -3.46 -7.05 -1.02
CA ALA A 73 -4.79 -6.53 -1.27
C ALA A 73 -4.96 -5.08 -0.83
N ASP A 74 -5.92 -4.42 -1.46
CA ASP A 74 -6.20 -3.02 -1.21
C ASP A 74 -7.58 -2.67 -1.77
N ILE A 75 -8.25 -1.71 -1.17
CA ILE A 75 -9.58 -1.32 -1.61
C ILE A 75 -9.51 -0.40 -2.85
N ASN A 76 -8.32 0.14 -3.13
CA ASN A 76 -8.13 1.04 -4.26
C ASN A 76 -7.85 0.28 -5.56
N SER A 77 -8.84 0.29 -6.46
CA SER A 77 -8.76 -0.53 -7.67
C SER A 77 -7.75 -0.02 -8.69
N ASP A 78 -7.48 1.28 -8.68
CA ASP A 78 -6.45 1.84 -9.55
C ASP A 78 -5.07 1.32 -9.14
N LEU A 79 -4.85 1.28 -7.82
CA LEU A 79 -3.60 0.81 -7.25
C LEU A 79 -3.36 -0.64 -7.62
N ILE A 80 -4.39 -1.47 -7.39
CA ILE A 80 -4.27 -2.89 -7.64
C ILE A 80 -4.12 -3.14 -9.14
N SER A 81 -4.86 -2.40 -9.95
CA SER A 81 -4.74 -2.52 -11.40
C SER A 81 -3.34 -2.14 -11.89
N LEU A 82 -2.81 -1.03 -11.38
CA LEU A 82 -1.43 -0.63 -11.67
C LEU A 82 -0.45 -1.74 -11.33
N TYR A 83 -0.60 -2.33 -10.15
CA TYR A 83 0.31 -3.39 -9.72
C TYR A 83 0.24 -4.62 -10.64
N ASN A 84 -0.96 -4.99 -11.07
CA ASN A 84 -1.11 -6.15 -11.96
C ASN A 84 -0.40 -5.92 -13.28
N ILE A 85 -0.45 -4.69 -13.78
CA ILE A 85 0.14 -4.35 -15.06
C ILE A 85 1.66 -4.26 -15.00
N VAL A 86 2.18 -3.71 -13.90
CA VAL A 86 3.62 -3.62 -13.70
C VAL A 86 4.22 -5.01 -13.61
N LYS A 87 3.44 -5.93 -13.05
CA LYS A 87 3.87 -7.30 -12.92
C LYS A 87 3.86 -8.05 -14.27
N MET A 88 2.82 -7.83 -15.05
CA MET A 88 2.60 -8.65 -16.25
C MET A 88 3.18 -8.06 -17.52
N ARG A 89 3.41 -6.75 -17.54
CA ARG A 89 3.86 -6.08 -18.76
C ARG A 89 4.97 -5.08 -18.48
N THR A 90 5.97 -5.51 -17.72
CA THR A 90 6.99 -4.63 -17.16
C THR A 90 7.72 -3.74 -18.17
N ASP A 91 8.37 -4.36 -19.15
CA ASP A 91 9.15 -3.63 -20.16
C ASP A 91 8.29 -2.62 -20.92
N GLU A 92 7.12 -3.06 -21.37
CA GLU A 92 6.19 -2.20 -22.09
C GLU A 92 5.77 -1.01 -21.23
N TYR A 93 5.50 -1.29 -19.96
CA TYR A 93 5.02 -0.26 -19.04
C TYR A 93 6.08 0.78 -18.79
N VAL A 94 7.29 0.32 -18.47
CA VAL A 94 8.39 1.22 -18.12
C VAL A 94 8.72 2.18 -19.24
N GLN A 95 8.77 1.66 -20.47
CA GLN A 95 9.04 2.50 -21.64
C GLN A 95 7.96 3.55 -21.83
N ALA A 96 6.69 3.16 -21.64
CA ALA A 96 5.59 4.09 -21.84
C ALA A 96 5.52 5.13 -20.73
N ALA A 97 5.74 4.71 -19.49
CA ALA A 97 5.71 5.63 -18.36
C ALA A 97 6.87 6.61 -18.40
N ARG A 98 8.03 6.16 -18.86
CA ARG A 98 9.23 7.00 -18.88
C ARG A 98 9.05 8.24 -19.74
N GLU A 99 8.28 8.10 -20.81
CA GLU A 99 8.02 9.22 -21.73
C GLU A 99 7.33 10.40 -21.03
N LEU A 100 6.53 10.11 -20.00
CA LEU A 100 5.80 11.18 -19.31
C LEU A 100 6.67 11.95 -18.33
N PHE A 101 7.84 11.42 -18.01
CA PHE A 101 8.74 12.10 -17.07
C PHE A 101 9.81 12.90 -17.80
N VAL A 102 9.36 13.93 -18.50
CA VAL A 102 10.22 14.86 -19.21
C VAL A 102 9.87 16.27 -18.75
N PRO A 103 10.79 17.24 -18.90
CA PRO A 103 10.53 18.60 -18.42
C PRO A 103 9.29 19.25 -19.04
N GLU A 104 8.93 18.80 -20.24
CA GLU A 104 7.79 19.35 -20.97
C GLU A 104 6.45 19.06 -20.31
N THR A 105 6.41 18.02 -19.47
CA THR A 105 5.17 17.64 -18.78
C THR A 105 5.07 18.26 -17.38
N ASN A 106 6.12 18.95 -16.95
CA ASN A 106 6.11 19.54 -15.62
C ASN A 106 5.52 20.95 -15.62
N CYS A 107 4.26 21.05 -16.03
CA CYS A 107 3.53 22.31 -15.93
C CYS A 107 2.03 22.03 -15.78
N ALA A 108 1.33 22.96 -15.14
CA ALA A 108 -0.06 22.79 -14.74
C ALA A 108 -1.00 22.38 -15.88
N GLU A 109 -0.93 23.09 -17.00
CA GLU A 109 -1.83 22.82 -18.12
C GLU A 109 -1.68 21.38 -18.62
N VAL A 110 -0.45 20.93 -18.74
CA VAL A 110 -0.19 19.55 -19.17
C VAL A 110 -0.67 18.57 -18.10
N TYR A 111 -0.36 18.87 -16.84
CA TYR A 111 -0.81 18.03 -15.74
C TYR A 111 -2.32 17.85 -15.75
N TYR A 112 -3.05 18.97 -15.80
CA TYR A 112 -4.50 18.90 -15.75
C TYR A 112 -5.09 18.21 -16.97
N GLN A 113 -4.43 18.28 -18.12
CA GLN A 113 -4.90 17.49 -19.26
C GLN A 113 -4.67 15.98 -19.05
N PHE A 114 -3.50 15.60 -18.56
CA PHE A 114 -3.24 14.19 -18.27
C PHE A 114 -4.19 13.67 -17.20
N ARG A 115 -4.54 14.53 -16.26
CA ARG A 115 -5.51 14.16 -15.24
C ARG A 115 -6.87 13.87 -15.88
N GLU A 116 -7.30 14.73 -16.79
CA GLU A 116 -8.56 14.53 -17.49
C GLU A 116 -8.51 13.30 -18.37
N GLU A 117 -7.34 13.05 -18.97
CA GLU A 117 -7.17 11.86 -19.80
C GLU A 117 -7.30 10.60 -18.95
N PHE A 118 -6.76 10.66 -17.74
CA PHE A 118 -6.84 9.53 -16.81
C PHE A 118 -8.29 9.24 -16.47
N ASN A 119 -9.00 10.30 -16.07
CA ASN A 119 -10.39 10.16 -15.64
C ASN A 119 -11.34 9.75 -16.77
N LYS A 120 -10.93 9.94 -18.01
CA LYS A 120 -11.77 9.57 -19.15
C LYS A 120 -11.33 8.29 -19.83
N SER A 121 -10.16 7.79 -19.48
CA SER A 121 -9.65 6.59 -20.12
C SER A 121 -10.39 5.33 -19.66
N GLN A 122 -10.63 4.42 -20.60
CA GLN A 122 -11.23 3.14 -20.29
C GLN A 122 -10.19 2.02 -20.44
N ASP A 123 -8.93 2.40 -20.57
CA ASP A 123 -7.84 1.44 -20.78
C ASP A 123 -6.92 1.32 -19.56
N PRO A 124 -6.87 0.13 -18.94
CA PRO A 124 -6.07 -0.13 -17.74
C PRO A 124 -4.59 0.21 -17.90
N PHE A 125 -4.01 -0.15 -19.05
CA PHE A 125 -2.59 0.13 -19.29
C PHE A 125 -2.32 1.63 -19.26
N ARG A 126 -3.00 2.36 -20.12
CA ARG A 126 -2.85 3.81 -20.19
C ARG A 126 -3.16 4.47 -18.84
N ARG A 127 -4.20 4.01 -18.18
CA ARG A 127 -4.52 4.54 -16.85
C ARG A 127 -3.41 4.23 -15.86
N ALA A 128 -2.84 3.03 -15.93
CA ALA A 128 -1.72 2.68 -15.06
C ALA A 128 -0.51 3.56 -15.34
N VAL A 129 -0.29 3.88 -16.61
CA VAL A 129 0.81 4.75 -17.00
C VAL A 129 0.60 6.14 -16.40
N LEU A 130 -0.59 6.69 -16.64
CA LEU A 130 -0.92 8.02 -16.15
C LEU A 130 -0.96 8.07 -14.61
N PHE A 131 -1.31 6.96 -13.98
CA PHE A 131 -1.39 6.92 -12.52
C PHE A 131 -0.04 7.20 -11.88
N LEU A 132 1.03 6.67 -12.49
CA LEU A 132 2.37 6.95 -11.99
C LEU A 132 2.70 8.42 -12.17
N TYR A 133 2.34 8.98 -13.32
CA TYR A 133 2.59 10.38 -13.58
C TYR A 133 1.88 11.28 -12.57
N LEU A 134 0.61 11.00 -12.27
CA LEU A 134 -0.15 11.83 -11.35
C LEU A 134 0.36 11.71 -9.92
N ASN A 135 0.80 10.51 -9.55
CA ASN A 135 1.32 10.28 -8.21
C ASN A 135 2.58 11.13 -7.96
N ARG A 136 3.39 11.29 -9.00
CA ARG A 136 4.69 11.96 -8.89
C ARG A 136 4.64 13.46 -9.13
N TYR A 137 3.67 13.91 -9.93
CA TYR A 137 3.59 15.33 -10.29
C TYR A 137 2.50 16.07 -9.53
N GLY A 138 1.54 15.34 -8.98
CA GLY A 138 0.47 15.93 -8.18
C GLY A 138 0.94 16.32 -6.79
N TYR A 139 0.06 16.96 -6.03
CA TYR A 139 0.41 17.42 -4.69
C TYR A 139 0.70 16.28 -3.73
N ASN A 140 1.93 16.23 -3.23
CA ASN A 140 2.35 15.36 -2.14
C ASN A 140 1.90 13.90 -2.25
N GLY A 141 1.89 13.37 -3.46
CA GLY A 141 1.59 11.96 -3.68
C GLY A 141 0.18 11.54 -3.28
N LEU A 142 -0.72 12.51 -3.16
CA LEU A 142 -2.09 12.20 -2.77
C LEU A 142 -2.83 11.42 -3.84
N CYS A 143 -3.80 10.65 -3.38
CA CYS A 143 -4.74 9.96 -4.24
C CYS A 143 -6.14 10.27 -3.71
N ARG A 144 -6.79 11.25 -4.31
CA ARG A 144 -8.12 11.69 -3.91
C ARG A 144 -9.12 11.57 -5.07
N TYR A 145 -10.34 11.17 -4.76
CA TYR A 145 -11.40 11.07 -5.77
C TYR A 145 -12.64 11.82 -5.35
N ASN A 146 -13.37 12.39 -6.32
CA ASN A 146 -14.69 12.91 -6.02
C ASN A 146 -15.69 11.75 -6.02
N LEU A 147 -16.95 12.03 -5.70
CA LEU A 147 -17.94 10.97 -5.59
C LEU A 147 -18.23 10.32 -6.94
N ARG A 148 -17.83 10.98 -8.02
CA ARG A 148 -18.00 10.40 -9.35
C ARG A 148 -16.81 9.53 -9.73
N GLY A 149 -15.93 9.30 -8.76
CA GLY A 149 -14.77 8.44 -8.98
C GLY A 149 -13.63 9.11 -9.73
N GLU A 150 -13.73 10.42 -9.94
CA GLU A 150 -12.70 11.15 -10.66
C GLU A 150 -11.56 11.60 -9.74
N PHE A 151 -10.34 11.28 -10.14
CA PHE A 151 -9.12 11.77 -9.50
C PHE A 151 -9.04 13.30 -9.59
N ASN A 152 -9.00 13.99 -8.45
CA ASN A 152 -8.98 15.46 -8.49
C ASN A 152 -7.92 16.11 -7.61
N VAL A 153 -6.73 15.50 -7.58
CA VAL A 153 -5.56 16.08 -6.91
C VAL A 153 -4.94 17.18 -7.78
N PRO A 154 -4.69 18.37 -7.19
CA PRO A 154 -4.09 19.49 -7.92
C PRO A 154 -2.62 19.25 -8.30
N PHE A 155 -2.10 20.09 -9.19
CA PHE A 155 -0.68 20.05 -9.60
C PHE A 155 0.25 20.28 -8.42
N GLY A 156 1.36 19.55 -8.37
CA GLY A 156 2.25 19.56 -7.22
C GLY A 156 3.35 20.62 -7.19
N ARG A 157 3.65 21.22 -8.34
CA ARG A 157 4.70 22.24 -8.44
C ARG A 157 6.06 21.74 -7.94
N TYR A 158 6.53 20.62 -8.46
CA TYR A 158 7.85 20.13 -8.10
C TYR A 158 8.88 20.56 -9.13
N LYS A 159 10.10 20.79 -8.68
CA LYS A 159 11.17 21.11 -9.58
C LYS A 159 11.55 20.00 -10.52
N LYS A 160 11.69 18.80 -10.00
CA LYS A 160 12.07 17.68 -10.83
C LYS A 160 11.61 16.35 -10.34
N PRO A 161 10.37 15.92 -10.81
CA PRO A 161 9.97 14.60 -10.29
C PRO A 161 10.85 13.47 -10.74
N TYR A 162 10.95 12.48 -9.88
CA TYR A 162 11.86 11.40 -10.04
C TYR A 162 11.16 10.23 -10.67
N PHE A 163 11.77 9.67 -11.69
CA PHE A 163 11.22 8.50 -12.35
C PHE A 163 11.76 7.23 -11.73
N PRO A 164 10.90 6.47 -11.03
CA PRO A 164 11.33 5.31 -10.25
C PRO A 164 11.54 4.05 -11.08
N GLU A 165 12.46 4.12 -12.05
CA GLU A 165 12.70 2.99 -12.94
C GLU A 165 13.26 1.77 -12.19
N ALA A 166 14.31 1.99 -11.41
CA ALA A 166 14.93 0.90 -10.66
C ALA A 166 13.93 0.23 -9.72
N GLU A 167 13.09 1.05 -9.10
CA GLU A 167 12.09 0.53 -8.18
C GLU A 167 10.99 -0.24 -8.92
N LEU A 168 10.62 0.22 -10.11
CA LEU A 168 9.64 -0.49 -10.92
C LEU A 168 10.10 -1.90 -11.26
N TYR A 169 11.34 -2.02 -11.75
CA TYR A 169 11.88 -3.32 -12.13
C TYR A 169 12.01 -4.26 -10.94
N HIS A 170 12.44 -3.72 -9.81
CA HIS A 170 12.55 -4.54 -8.60
C HIS A 170 11.19 -5.04 -8.15
N PHE A 171 10.17 -4.18 -8.27
CA PHE A 171 8.82 -4.53 -7.88
C PHE A 171 8.28 -5.68 -8.73
N ALA A 172 8.38 -5.55 -10.06
CA ALA A 172 7.88 -6.58 -10.96
C ALA A 172 8.57 -7.91 -10.71
N GLU A 173 9.88 -7.85 -10.50
CA GLU A 173 10.65 -9.04 -10.19
C GLU A 173 10.12 -9.71 -8.92
N LYS A 174 9.90 -8.92 -7.88
CA LYS A 174 9.41 -9.47 -6.64
C LYS A 174 7.94 -9.84 -6.72
N ALA A 175 7.24 -9.23 -7.66
CA ALA A 175 5.80 -9.46 -7.81
C ALA A 175 5.48 -10.82 -8.40
N GLN A 176 6.49 -11.52 -8.91
CA GLN A 176 6.27 -12.83 -9.51
C GLN A 176 5.80 -13.85 -8.49
N ASN A 177 5.91 -13.52 -7.21
CA ASN A 177 5.48 -14.40 -6.13
C ASN A 177 4.30 -13.83 -5.37
N ALA A 178 3.60 -12.90 -6.00
CA ALA A 178 2.53 -12.19 -5.32
C ALA A 178 1.25 -12.20 -6.15
N PHE A 179 0.12 -12.39 -5.47
CA PHE A 179 -1.19 -12.19 -6.10
C PHE A 179 -1.76 -10.89 -5.59
N PHE A 180 -2.43 -10.17 -6.48
CA PHE A 180 -3.04 -8.89 -6.12
C PHE A 180 -4.55 -8.97 -6.20
N TYR A 181 -5.21 -8.48 -5.15
CA TYR A 181 -6.66 -8.51 -5.09
C TYR A 181 -7.19 -7.16 -4.67
N CYS A 182 -8.23 -6.69 -5.34
CA CYS A 182 -8.92 -5.49 -4.93
C CYS A 182 -10.10 -5.88 -4.05
N GLU A 183 -9.98 -5.67 -2.75
CA GLU A 183 -11.05 -6.02 -1.81
C GLU A 183 -10.80 -5.48 -0.42
N SER A 184 -11.87 -5.46 0.39
CA SER A 184 -11.81 -4.95 1.74
C SER A 184 -11.07 -5.92 2.65
N TYR A 185 -10.53 -5.41 3.76
CA TYR A 185 -9.67 -6.20 4.63
C TYR A 185 -10.31 -7.50 5.12
N ALA A 186 -11.61 -7.49 5.34
CA ALA A 186 -12.28 -8.70 5.82
C ALA A 186 -12.11 -9.87 4.85
N ASP A 187 -12.19 -9.57 3.56
CA ASP A 187 -12.14 -10.64 2.55
C ASP A 187 -10.73 -11.16 2.30
N SER A 188 -9.72 -10.31 2.46
CA SER A 188 -8.35 -10.73 2.20
C SER A 188 -7.76 -11.48 3.39
N MET A 189 -8.16 -11.10 4.59
CA MET A 189 -7.71 -11.81 5.79
C MET A 189 -8.31 -13.21 5.82
N ALA A 190 -9.49 -13.38 5.22
CA ALA A 190 -10.11 -14.70 5.10
C ALA A 190 -9.34 -15.59 4.11
N ARG A 191 -8.37 -15.05 3.42
CA ARG A 191 -7.55 -15.81 2.53
C ARG A 191 -6.39 -16.47 3.23
N ALA A 192 -6.16 -16.06 4.46
CA ALA A 192 -5.09 -16.64 5.28
C ALA A 192 -5.33 -18.07 5.77
N ASP A 193 -4.26 -18.83 5.87
CA ASP A 193 -4.26 -20.21 6.29
C ASP A 193 -3.13 -20.42 7.28
N ASP A 194 -2.95 -21.64 7.74
CA ASP A 194 -1.97 -21.96 8.77
C ASP A 194 -0.57 -21.60 8.35
N SER A 195 -0.35 -21.59 7.07
CA SER A 195 0.96 -21.25 6.55
C SER A 195 1.15 -19.75 6.41
N SER A 196 0.14 -18.98 6.73
CA SER A 196 0.16 -17.56 6.48
C SER A 196 0.57 -16.71 7.65
N VAL A 197 1.19 -15.60 7.35
CA VAL A 197 1.39 -14.55 8.32
C VAL A 197 0.63 -13.33 7.84
N VAL A 198 -0.08 -12.65 8.74
CA VAL A 198 -0.84 -11.47 8.35
C VAL A 198 -0.23 -10.19 8.92
N TYR A 199 0.08 -9.24 8.03
CA TYR A 199 0.53 -7.92 8.46
C TYR A 199 -0.45 -6.84 8.03
N CYS A 200 -0.93 -6.06 8.98
CA CYS A 200 -1.92 -5.04 8.75
C CYS A 200 -1.41 -3.65 8.95
N ASP A 201 -1.62 -2.80 7.97
CA ASP A 201 -1.17 -1.43 8.00
C ASP A 201 -2.40 -0.58 7.75
N PRO A 202 -3.29 -0.49 8.83
CA PRO A 202 -4.52 0.25 8.54
C PRO A 202 -4.37 1.74 8.44
N PRO A 203 -5.32 2.43 7.83
CA PRO A 203 -5.32 3.89 7.94
C PRO A 203 -5.20 4.32 9.40
N TYR A 204 -4.37 5.33 9.64
CA TYR A 204 -4.04 5.77 10.98
C TYR A 204 -5.25 6.11 11.84
N ALA A 205 -5.19 5.71 13.11
CA ALA A 205 -6.19 6.10 14.08
C ALA A 205 -6.03 7.58 14.38
N PRO A 206 -7.12 8.23 14.84
CA PRO A 206 -7.07 9.66 15.17
C PRO A 206 -6.01 10.00 16.22
N LEU A 207 -5.41 11.18 16.09
CA LEU A 207 -4.53 11.69 17.13
C LEU A 207 -5.38 12.26 18.27
N SER A 208 -4.94 12.04 19.51
CA SER A 208 -5.66 12.52 20.68
C SER A 208 -5.83 14.03 20.68
N SER A 220 -13.96 8.13 5.39
CA SER A 220 -12.67 7.50 5.65
C SER A 220 -12.83 6.24 6.50
N PHE A 221 -11.71 5.78 7.07
CA PHE A 221 -11.69 4.55 7.86
C PHE A 221 -12.27 4.82 9.25
N THR A 222 -13.48 4.32 9.49
CA THR A 222 -14.20 4.62 10.72
C THR A 222 -13.60 3.94 11.95
N LEU A 223 -14.07 4.37 13.13
CA LEU A 223 -13.63 3.79 14.38
C LEU A 223 -14.18 2.36 14.52
N GLU A 224 -15.35 2.12 13.96
CA GLU A 224 -15.91 0.77 13.94
C GLU A 224 -14.99 -0.18 13.18
N GLN A 225 -14.56 0.23 11.99
CA GLN A 225 -13.66 -0.59 11.17
C GLN A 225 -12.32 -0.86 11.84
N GLN A 226 -11.80 0.14 12.56
CA GLN A 226 -10.57 -0.06 13.33
C GLN A 226 -10.77 -1.16 14.36
N ALA A 227 -11.89 -1.08 15.09
CA ALA A 227 -12.23 -2.06 16.12
C ALA A 227 -12.56 -3.41 15.52
N HIS A 228 -13.27 -3.39 14.40
CA HIS A 228 -13.63 -4.61 13.69
C HIS A 228 -12.39 -5.36 13.21
N LEU A 229 -11.39 -4.62 12.76
CA LEU A 229 -10.14 -5.21 12.30
C LEU A 229 -9.47 -5.98 13.43
N ALA A 230 -9.51 -5.42 14.63
CA ALA A 230 -8.93 -6.07 15.81
C ALA A 230 -9.59 -7.41 16.11
N GLU A 231 -10.91 -7.47 16.01
CA GLU A 231 -11.61 -8.71 16.34
C GLU A 231 -11.40 -9.79 15.28
N ILE A 232 -11.13 -9.37 14.04
CA ILE A 232 -10.81 -10.33 13.00
C ILE A 232 -9.45 -10.95 13.29
N ALA A 233 -8.50 -10.12 13.71
CA ALA A 233 -7.18 -10.60 14.11
C ALA A 233 -7.28 -11.64 15.22
N GLU A 234 -8.11 -11.35 16.22
CA GLU A 234 -8.34 -12.30 17.31
C GLU A 234 -8.89 -13.63 16.79
N GLY A 235 -9.76 -13.55 15.79
CA GLY A 235 -10.32 -14.74 15.17
C GLY A 235 -9.25 -15.56 14.46
N LEU A 236 -8.26 -14.87 13.91
CA LEU A 236 -7.18 -15.54 13.19
C LEU A 236 -6.17 -16.20 14.13
N VAL A 237 -5.95 -15.60 15.29
CA VAL A 237 -4.91 -16.09 16.18
C VAL A 237 -5.34 -17.38 16.87
N GLU A 238 -6.64 -17.65 16.91
CA GLU A 238 -7.11 -18.90 17.50
C GLU A 238 -7.22 -20.00 16.46
N ARG A 239 -7.11 -19.63 15.19
CA ARG A 239 -6.94 -20.60 14.12
C ARG A 239 -5.44 -20.79 13.86
N HIS A 240 -4.64 -20.38 14.84
CA HIS A 240 -3.19 -20.49 14.81
C HIS A 240 -2.55 -19.71 13.64
N ILE A 241 -3.12 -18.55 13.32
CA ILE A 241 -2.55 -17.66 12.31
C ILE A 241 -2.09 -16.36 12.94
N PRO A 242 -0.76 -16.16 13.02
CA PRO A 242 -0.19 -14.94 13.63
C PRO A 242 -0.56 -13.68 12.85
N VAL A 243 -0.90 -12.60 13.56
CA VAL A 243 -1.26 -11.33 12.94
C VAL A 243 -0.53 -10.17 13.58
N LEU A 244 0.12 -9.34 12.75
CA LEU A 244 0.80 -8.15 13.25
C LEU A 244 0.10 -6.89 12.76
N ILE A 245 -0.18 -5.98 13.68
CA ILE A 245 -0.85 -4.72 13.34
C ILE A 245 -0.07 -3.51 13.82
N SER A 246 0.14 -2.55 12.92
CA SER A 246 0.76 -1.29 13.29
C SER A 246 -0.27 -0.15 13.26
N ASN A 247 -0.08 0.83 14.14
CA ASN A 247 -0.91 2.02 14.18
C ASN A 247 -0.25 3.06 15.06
N HIS A 248 -0.90 4.19 15.25
CA HIS A 248 -0.43 5.16 16.23
C HIS A 248 -0.64 4.60 17.64
N ASP A 249 0.13 5.11 18.59
CA ASP A 249 0.01 4.71 19.98
C ASP A 249 -0.92 5.66 20.75
N THR A 250 -2.20 5.32 20.79
CA THR A 250 -3.19 6.14 21.49
C THR A 250 -3.89 5.32 22.57
N MET A 251 -4.83 5.93 23.27
CA MET A 251 -5.62 5.21 24.26
C MET A 251 -6.61 4.28 23.56
N LEU A 252 -7.08 4.69 22.40
CA LEU A 252 -8.00 3.88 21.61
C LEU A 252 -7.34 2.63 21.04
N THR A 253 -6.13 2.78 20.50
CA THR A 253 -5.46 1.64 19.87
C THR A 253 -5.07 0.59 20.92
N ARG A 254 -4.66 1.05 22.10
CA ARG A 254 -4.36 0.13 23.20
C ARG A 254 -5.59 -0.68 23.60
N GLU A 255 -6.77 -0.07 23.49
CA GLU A 255 -8.00 -0.76 23.82
C GLU A 255 -8.42 -1.75 22.74
N TRP A 256 -8.36 -1.33 21.47
CA TRP A 256 -8.70 -2.23 20.37
C TRP A 256 -7.77 -3.45 20.34
N TYR A 257 -6.49 -3.23 20.63
CA TYR A 257 -5.49 -4.28 20.51
C TYR A 257 -5.08 -4.89 21.85
N GLN A 258 -5.98 -4.92 22.82
CA GLN A 258 -5.61 -5.34 24.16
C GLN A 258 -5.35 -6.83 24.28
N ARG A 259 -5.94 -7.62 23.38
CA ARG A 259 -5.71 -9.07 23.37
C ARG A 259 -4.34 -9.44 22.83
N ALA A 260 -3.60 -8.43 22.37
CA ALA A 260 -2.31 -8.67 21.72
C ALA A 260 -1.15 -8.22 22.60
N LYS A 261 0.03 -8.77 22.33
CA LYS A 261 1.24 -8.32 22.99
C LYS A 261 1.70 -7.02 22.35
N LEU A 262 1.52 -5.91 23.06
CA LEU A 262 1.83 -4.59 22.52
C LEU A 262 3.31 -4.23 22.61
N HIS A 263 3.80 -3.58 21.57
CA HIS A 263 5.17 -3.07 21.56
C HIS A 263 5.18 -1.62 21.08
N VAL A 264 5.89 -0.76 21.80
CA VAL A 264 5.93 0.66 21.49
C VAL A 264 7.23 1.02 20.80
N VAL A 265 7.13 1.76 19.71
CA VAL A 265 8.29 2.30 19.02
C VAL A 265 8.32 3.81 19.21
N LYS A 266 9.35 4.32 19.87
CA LYS A 266 9.47 5.75 20.12
C LYS A 266 10.35 6.40 19.06
N VAL A 267 10.16 7.69 18.83
CA VAL A 267 10.89 8.41 17.79
C VAL A 267 11.95 9.33 18.38
N ASP A 282 4.68 8.55 18.21
CA ASP A 282 5.11 7.22 18.64
C ASP A 282 4.20 6.12 18.09
N GLU A 283 4.81 5.07 17.55
CA GLU A 283 4.08 4.02 16.86
C GLU A 283 3.82 2.82 17.77
N LEU A 284 2.81 2.02 17.41
CA LEU A 284 2.45 0.85 18.19
C LEU A 284 2.34 -0.39 17.30
N LEU A 285 2.98 -1.46 17.75
CA LEU A 285 2.93 -2.75 17.07
C LEU A 285 2.18 -3.75 17.93
N ALA A 286 1.08 -4.28 17.40
CA ALA A 286 0.26 -5.22 18.15
C ALA A 286 0.43 -6.61 17.55
N LEU A 287 0.97 -7.52 18.36
CA LEU A 287 1.26 -8.86 17.87
C LEU A 287 0.30 -9.90 18.45
N TYR A 288 -0.47 -10.53 17.56
CA TYR A 288 -1.30 -11.65 17.92
C TYR A 288 -0.58 -12.94 17.53
N LYS A 289 0.00 -13.63 18.50
CA LYS A 289 0.76 -14.85 18.23
C LYS A 289 0.14 -16.04 18.97
N PRO A 290 -0.08 -17.14 18.25
CA PRO A 290 -0.64 -18.37 18.85
C PRO A 290 0.23 -18.89 19.98
N SAM D . -0.98 4.15 8.29
CA SAM D . -0.56 4.88 7.08
C SAM D . -1.43 6.12 6.84
O SAM D . -2.64 6.11 7.06
OXT SAM D . -0.92 7.16 6.41
CB SAM D . -0.60 3.94 5.89
CG SAM D . -1.87 3.11 5.82
SD SAM D . -2.02 2.12 4.31
CE SAM D . -1.10 3.14 3.13
C5' SAM D . -3.72 2.51 3.84
C4' SAM D . -4.15 1.80 2.56
O4' SAM D . -5.24 0.96 2.86
C3' SAM D . -4.61 2.75 1.46
O3' SAM D . -3.78 2.60 0.33
C2' SAM D . -6.01 2.31 1.10
O2' SAM D . -6.11 2.13 -0.30
C1' SAM D . -6.19 0.99 1.81
N9 SAM D . -7.52 0.85 2.40
C8 SAM D . -8.33 1.84 2.90
N7 SAM D . -9.46 1.27 3.37
C5 SAM D . -9.41 -0.07 3.16
C6 SAM D . -10.29 -1.11 3.42
N6 SAM D . -11.47 -0.89 4.00
N1 SAM D . -9.94 -2.41 3.10
C2 SAM D . -8.72 -2.65 2.51
N3 SAM D . -7.85 -1.62 2.23
C4 SAM D . -8.19 -0.34 2.55
#